data_9H7A
#
_entry.id   9H7A
#
_cell.length_a   85.540
_cell.length_b   43.450
_cell.length_c   64.630
_cell.angle_alpha   90.00
_cell.angle_beta   90.00
_cell.angle_gamma   90.00
#
_symmetry.space_group_name_H-M   'P 21 21 2'
#
loop_
_entity.id
_entity.type
_entity.pdbx_description
1 polymer Transthyretin
2 non-polymer 3,5-dichlorobenzene-1-sulfonamide
3 water water
#
_entity_poly.entity_id   1
_entity_poly.type   'polypeptide(L)'
_entity_poly.pdbx_seq_one_letter_code
;GPTGTGESKCPLMVKVLDAVRGSPAINVAVHVFRKAADDTWEPFASGKTSESGELHGLTTEEEFVEGIYKVEIDTKSYWK
ALGISPFHEHAEVVFTANDSGPRRYTIAALLSPYSYSTTAVVTNPKE
;
_entity_poly.pdbx_strand_id   A,B
#
loop_
_chem_comp.id
_chem_comp.type
_chem_comp.name
_chem_comp.formula
6OT non-polymer 3,5-dichlorobenzene-1-sulfonamide 'C6 H5 Cl2 N O2 S'
#
# COMPACT_ATOMS: atom_id res chain seq x y z
CA CYS A 10 18.43 8.98 -10.21
C CYS A 10 16.92 9.24 -10.32
N PRO A 11 16.22 8.49 -11.20
CA PRO A 11 14.79 8.57 -11.44
C PRO A 11 13.87 8.05 -10.36
N LEU A 12 14.37 7.21 -9.47
CA LEU A 12 13.52 6.60 -8.46
C LEU A 12 14.25 6.51 -7.15
N MET A 13 13.69 7.18 -6.14
CA MET A 13 14.27 7.18 -4.78
C MET A 13 13.19 6.81 -3.79
N VAL A 14 13.56 6.11 -2.73
CA VAL A 14 12.65 5.67 -1.71
C VAL A 14 13.19 6.18 -0.40
N LYS A 15 12.30 6.75 0.38
CA LYS A 15 12.62 7.31 1.69
C LYS A 15 11.68 6.77 2.74
N VAL A 16 12.21 6.29 3.86
CA VAL A 16 11.35 5.67 4.86
C VAL A 16 11.70 6.27 6.24
N LEU A 17 10.66 6.68 6.98
CA LEU A 17 10.77 7.28 8.27
C LEU A 17 9.98 6.47 9.27
N ASP A 18 10.46 6.48 10.53
CA ASP A 18 9.86 5.78 11.69
C ASP A 18 9.16 6.83 12.55
N ALA A 19 7.82 6.74 12.63
CA ALA A 19 7.01 7.71 13.41
C ALA A 19 6.97 7.46 14.92
N VAL A 20 7.53 6.33 15.38
CA VAL A 20 7.67 6.00 16.82
C VAL A 20 8.92 6.65 17.37
N ARG A 21 10.02 6.67 16.62
CA ARG A 21 11.31 7.15 17.11
C ARG A 21 11.62 8.55 16.61
N GLY A 22 10.89 9.01 15.60
CA GLY A 22 11.19 10.28 14.86
C GLY A 22 12.55 10.28 14.19
N SER A 23 12.80 9.22 13.43
CA SER A 23 14.11 8.99 12.90
C SER A 23 13.94 8.28 11.56
N PRO A 24 14.93 8.39 10.69
CA PRO A 24 14.85 7.52 9.49
C PRO A 24 14.81 6.06 9.88
N ALA A 25 14.19 5.27 9.02
CA ALA A 25 14.06 3.82 9.14
C ALA A 25 15.23 3.23 8.32
N ILE A 26 16.26 2.79 9.05
CA ILE A 26 17.51 2.31 8.51
C ILE A 26 17.43 0.77 8.25
N ASN A 27 18.11 0.36 7.19
CA ASN A 27 18.25 -1.04 6.82
CA ASN A 27 18.25 -1.04 6.79
C ASN A 27 16.93 -1.75 6.49
N VAL A 28 16.01 -1.02 5.87
CA VAL A 28 14.71 -1.50 5.46
C VAL A 28 14.90 -2.02 4.06
N ALA A 29 14.50 -3.26 3.87
CA ALA A 29 14.59 -3.90 2.52
C ALA A 29 13.47 -3.32 1.67
N VAL A 30 13.79 -3.06 0.39
CA VAL A 30 12.90 -2.58 -0.61
C VAL A 30 13.08 -3.35 -1.91
N HIS A 31 11.95 -3.84 -2.46
CA HIS A 31 11.94 -4.62 -3.70
C HIS A 31 11.01 -3.94 -4.66
N VAL A 32 11.53 -3.71 -5.86
CA VAL A 32 10.81 -3.12 -6.93
C VAL A 32 10.55 -4.10 -8.06
N PHE A 33 9.30 -4.08 -8.57
CA PHE A 33 8.87 -4.99 -9.61
C PHE A 33 8.21 -4.17 -10.70
N ARG A 34 8.20 -4.73 -11.88
CA ARG A 34 7.56 -4.06 -13.02
C ARG A 34 6.64 -5.04 -13.71
N LYS A 35 5.48 -4.59 -14.14
CA LYS A 35 4.51 -5.50 -14.71
C LYS A 35 4.85 -5.84 -16.12
N ALA A 36 4.88 -7.14 -16.41
CA ALA A 36 5.24 -7.62 -17.75
C ALA A 36 4.06 -7.57 -18.71
N ALA A 37 4.36 -7.70 -20.01
CA ALA A 37 3.38 -7.90 -21.09
C ALA A 37 2.33 -9.02 -20.78
N ASP A 38 2.75 -10.12 -20.18
CA ASP A 38 1.81 -11.19 -19.79
C ASP A 38 1.16 -10.97 -18.41
N ASP A 39 1.16 -9.72 -17.91
CA ASP A 39 0.49 -9.37 -16.62
C ASP A 39 1.11 -9.91 -15.31
N THR A 40 2.30 -10.52 -15.38
CA THR A 40 3.09 -10.96 -14.24
C THR A 40 3.92 -9.77 -13.66
N TRP A 41 4.30 -9.83 -12.41
CA TRP A 41 5.30 -8.90 -11.80
C TRP A 41 6.75 -9.34 -11.87
N GLU A 42 7.54 -8.76 -12.76
CA GLU A 42 8.98 -9.12 -12.92
C GLU A 42 9.92 -8.36 -11.94
N PRO A 43 10.89 -9.04 -11.30
CA PRO A 43 11.82 -8.26 -10.49
C PRO A 43 12.58 -7.22 -11.30
N PHE A 44 12.61 -6.01 -10.77
CA PHE A 44 13.18 -4.83 -11.44
C PHE A 44 14.44 -4.34 -10.70
N ALA A 45 14.40 -4.18 -9.36
CA ALA A 45 15.55 -3.70 -8.58
C ALA A 45 15.27 -3.88 -7.12
N SER A 46 16.32 -3.88 -6.29
CA SER A 46 16.09 -3.98 -4.85
C SER A 46 17.27 -3.36 -4.15
N GLY A 47 17.12 -3.10 -2.86
CA GLY A 47 18.11 -2.39 -2.10
C GLY A 47 17.69 -2.30 -0.66
N LYS A 48 18.51 -1.67 0.17
CA LYS A 48 18.09 -1.36 1.50
C LYS A 48 18.38 0.12 1.85
N THR A 49 17.56 0.65 2.69
CA THR A 49 17.67 2.06 3.06
C THR A 49 18.97 2.28 3.87
N SER A 50 19.56 3.47 3.63
CA SER A 50 20.82 3.85 4.29
C SER A 50 20.57 4.41 5.73
N GLU A 51 21.67 4.85 6.36
CA GLU A 51 21.59 5.52 7.67
C GLU A 51 20.70 6.77 7.63
N SER A 52 20.43 7.31 6.43
CA SER A 52 19.53 8.46 6.34
C SER A 52 18.10 8.08 5.97
N GLY A 53 17.80 6.78 5.84
CA GLY A 53 16.48 6.27 5.47
C GLY A 53 16.21 6.30 4.02
N GLU A 54 17.24 6.59 3.25
CA GLU A 54 17.13 6.73 1.79
C GLU A 54 17.71 5.55 1.04
N LEU A 55 17.09 5.26 -0.13
CA LEU A 55 17.60 4.26 -1.02
C LEU A 55 17.67 4.90 -2.40
N HIS A 56 18.89 5.11 -2.78
CA HIS A 56 19.24 5.73 -4.09
C HIS A 56 19.80 4.65 -4.93
N GLY A 57 19.92 4.92 -6.21
CA GLY A 57 20.66 3.98 -7.07
C GLY A 57 19.88 2.79 -7.58
N LEU A 58 18.57 2.75 -7.44
CA LEU A 58 17.80 1.57 -7.81
C LEU A 58 17.79 1.35 -9.34
N THR A 59 17.81 2.43 -10.12
CA THR A 59 17.66 2.36 -11.57
C THR A 59 18.26 3.55 -12.27
N THR A 60 18.23 3.52 -13.61
CA THR A 60 18.83 4.58 -14.40
C THR A 60 17.75 5.11 -15.32
N GLU A 61 17.97 6.27 -15.93
CA GLU A 61 16.96 6.84 -16.85
C GLU A 61 16.63 5.93 -18.03
N GLU A 62 17.64 5.26 -18.58
CA GLU A 62 17.47 4.36 -19.72
C GLU A 62 16.62 3.13 -19.33
N GLU A 63 16.85 2.54 -18.16
CA GLU A 63 16.15 1.26 -17.82
C GLU A 63 14.74 1.53 -17.28
N PHE A 64 14.51 2.74 -16.76
CA PHE A 64 13.25 3.08 -16.10
C PHE A 64 12.22 3.60 -17.13
N VAL A 65 11.77 2.68 -17.94
CA VAL A 65 10.82 2.99 -19.04
C VAL A 65 9.42 3.12 -18.47
N GLU A 66 8.49 3.59 -19.29
CA GLU A 66 7.09 3.50 -18.98
C GLU A 66 6.70 2.10 -18.53
N GLY A 67 5.88 2.06 -17.52
CA GLY A 67 5.36 0.80 -17.03
C GLY A 67 4.59 0.98 -15.76
N ILE A 68 4.03 -0.12 -15.27
CA ILE A 68 3.44 -0.12 -13.94
C ILE A 68 4.46 -0.79 -13.04
N TYR A 69 4.84 -0.09 -12.01
CA TYR A 69 5.79 -0.48 -11.03
C TYR A 69 5.19 -0.72 -9.67
N LYS A 70 5.76 -1.65 -8.95
CA LYS A 70 5.40 -1.92 -7.55
CA LYS A 70 5.39 -1.92 -7.57
C LYS A 70 6.63 -1.78 -6.69
N VAL A 71 6.55 -0.98 -5.63
CA VAL A 71 7.61 -0.86 -4.66
C VAL A 71 7.09 -1.51 -3.39
N GLU A 72 7.76 -2.55 -2.89
CA GLU A 72 7.33 -3.28 -1.69
C GLU A 72 8.41 -3.02 -0.63
N ILE A 73 7.99 -2.39 0.45
CA ILE A 73 8.89 -2.02 1.56
C ILE A 73 8.64 -3.03 2.65
N ASP A 74 9.71 -3.68 3.10
CA ASP A 74 9.57 -4.79 4.10
C ASP A 74 9.50 -4.20 5.54
N THR A 75 8.32 -3.62 5.81
CA THR A 75 8.10 -3.02 7.11
C THR A 75 8.00 -4.04 8.22
N LYS A 76 7.51 -5.24 7.94
CA LYS A 76 7.38 -6.21 9.04
C LYS A 76 8.75 -6.59 9.65
N SER A 77 9.76 -6.90 8.81
CA SER A 77 11.09 -7.21 9.34
C SER A 77 11.67 -6.04 10.12
N TYR A 78 11.49 -4.83 9.64
CA TYR A 78 11.87 -3.62 10.36
C TYR A 78 11.31 -3.59 11.82
N TRP A 79 10.00 -3.74 11.98
CA TRP A 79 9.39 -3.68 13.34
C TRP A 79 9.79 -4.83 14.22
N LYS A 80 9.81 -6.02 13.63
CA LYS A 80 10.16 -7.21 14.40
C LYS A 80 11.56 -7.11 14.97
N ALA A 81 12.50 -6.53 14.22
CA ALA A 81 13.91 -6.34 14.76
C ALA A 81 13.98 -5.37 15.93
N LEU A 82 13.02 -4.47 16.03
CA LEU A 82 12.85 -3.61 17.19
C LEU A 82 11.94 -4.17 18.28
N GLY A 83 11.50 -5.44 18.18
CA GLY A 83 10.67 -6.08 19.20
C GLY A 83 9.17 -5.87 19.08
N ILE A 84 8.76 -5.26 17.94
CA ILE A 84 7.33 -4.97 17.71
C ILE A 84 6.76 -5.98 16.74
N SER A 85 5.57 -6.48 17.07
CA SER A 85 4.74 -7.23 16.11
C SER A 85 3.76 -6.31 15.44
N PRO A 86 4.04 -5.92 14.20
CA PRO A 86 3.27 -4.90 13.50
C PRO A 86 2.05 -5.48 12.81
N PHE A 87 1.15 -4.64 12.35
CA PHE A 87 -0.05 -5.11 11.67
C PHE A 87 0.23 -5.55 10.24
N HIS A 88 0.92 -4.72 9.48
CA HIS A 88 1.09 -4.97 8.03
C HIS A 88 2.24 -5.90 7.68
N GLU A 89 2.08 -6.70 6.65
CA GLU A 89 3.18 -7.54 6.16
C GLU A 89 4.26 -6.70 5.47
N HIS A 90 3.82 -5.69 4.75
CA HIS A 90 4.69 -4.75 4.05
C HIS A 90 3.92 -3.54 3.71
N ALA A 91 4.55 -2.50 3.16
CA ALA A 91 3.84 -1.40 2.54
C ALA A 91 4.13 -1.51 1.04
N GLU A 92 3.11 -1.45 0.18
CA GLU A 92 3.37 -1.64 -1.23
C GLU A 92 2.77 -0.47 -1.97
N VAL A 93 3.51 0.14 -2.91
CA VAL A 93 3.02 1.29 -3.62
C VAL A 93 3.01 0.83 -5.08
N VAL A 94 1.92 1.02 -5.82
CA VAL A 94 1.82 0.55 -7.16
C VAL A 94 1.37 1.70 -7.99
N PHE A 95 2.09 1.96 -9.06
CA PHE A 95 1.92 3.20 -9.83
C PHE A 95 2.42 3.06 -11.24
N THR A 96 1.79 3.81 -12.14
CA THR A 96 2.24 3.99 -13.49
C THR A 96 3.31 5.05 -13.55
N ALA A 97 4.43 4.68 -14.15
CA ALA A 97 5.55 5.63 -14.27
C ALA A 97 5.81 6.06 -15.73
N ASN A 98 6.22 7.33 -15.87
CA ASN A 98 6.72 7.92 -17.16
C ASN A 98 5.72 7.96 -18.30
N ASP A 99 4.44 7.97 -17.97
CA ASP A 99 3.40 7.89 -19.00
C ASP A 99 3.37 9.15 -19.85
N SER A 100 3.70 10.30 -19.26
CA SER A 100 3.69 11.53 -19.98
C SER A 100 5.13 11.98 -20.26
N GLY A 101 6.08 11.05 -20.39
CA GLY A 101 7.52 11.34 -20.42
C GLY A 101 8.28 11.04 -19.12
N PRO A 102 9.62 11.03 -19.17
CA PRO A 102 10.41 10.73 -17.97
C PRO A 102 10.14 11.73 -16.84
N ARG A 103 10.02 11.19 -15.65
CA ARG A 103 9.93 11.94 -14.40
C ARG A 103 10.87 11.34 -13.35
N ARG A 104 11.10 12.11 -12.30
CA ARG A 104 11.84 11.67 -11.17
C ARG A 104 10.81 11.42 -10.03
N TYR A 105 10.91 10.30 -9.37
CA TYR A 105 9.93 9.94 -8.37
C TYR A 105 10.60 9.67 -7.11
N THR A 106 10.09 10.28 -6.02
CA THR A 106 10.45 9.95 -4.68
C THR A 106 9.23 9.36 -4.02
N ILE A 107 9.41 8.15 -3.51
CA ILE A 107 8.37 7.44 -2.83
C ILE A 107 8.78 7.54 -1.33
N ALA A 108 7.96 8.21 -0.53
CA ALA A 108 8.19 8.42 0.86
C ALA A 108 7.19 7.56 1.66
N ALA A 109 7.64 6.85 2.66
CA ALA A 109 6.70 6.13 3.53
C ALA A 109 7.01 6.46 4.97
N LEU A 110 5.96 6.75 5.73
CA LEU A 110 6.04 6.98 7.16
C LEU A 110 5.41 5.80 7.91
N LEU A 111 6.16 5.18 8.79
CA LEU A 111 5.77 3.91 9.37
C LEU A 111 5.41 4.07 10.86
N SER A 112 4.27 3.44 11.25
CA SER A 112 4.00 3.08 12.64
C SER A 112 3.56 1.64 12.72
N PRO A 113 3.45 1.13 13.92
CA PRO A 113 3.19 -0.33 13.95
C PRO A 113 1.86 -0.79 13.32
N TYR A 114 0.82 0.02 13.45
CA TYR A 114 -0.47 -0.25 12.88
C TYR A 114 -0.93 0.71 11.85
N SER A 115 -0.02 1.49 11.29
CA SER A 115 -0.37 2.46 10.28
C SER A 115 0.77 2.76 9.41
N TYR A 116 0.58 3.10 8.14
CA TYR A 116 1.63 3.74 7.39
C TYR A 116 1.01 4.70 6.40
N SER A 117 1.80 5.65 5.94
CA SER A 117 1.38 6.58 4.92
CA SER A 117 1.37 6.58 4.92
C SER A 117 2.44 6.55 3.87
N THR A 118 2.04 6.73 2.62
CA THR A 118 2.97 6.80 1.56
C THR A 118 2.55 7.94 0.65
N THR A 119 3.55 8.65 0.17
CA THR A 119 3.37 9.86 -0.64
C THR A 119 4.35 9.80 -1.78
N ALA A 120 3.95 10.37 -2.89
CA ALA A 120 4.88 10.50 -4.00
C ALA A 120 5.11 11.94 -4.34
N VAL A 121 6.39 12.28 -4.53
CA VAL A 121 6.80 13.52 -5.09
C VAL A 121 7.33 13.25 -6.49
N VAL A 122 6.70 13.89 -7.45
CA VAL A 122 6.94 13.64 -8.88
C VAL A 122 7.45 14.92 -9.45
N THR A 123 8.67 14.90 -9.98
CA THR A 123 9.21 16.12 -10.61
C THR A 123 9.75 15.95 -12.01
N ASN A 124 9.90 17.09 -12.70
CA ASN A 124 10.60 17.15 -14.00
C ASN A 124 12.14 17.24 -14.04
N PRO B 11 -16.54 -9.19 11.44
CA PRO B 11 -15.13 -9.25 11.81
C PRO B 11 -14.13 -8.40 10.98
N LEU B 12 -14.53 -7.93 9.81
CA LEU B 12 -13.69 -7.13 8.96
C LEU B 12 -14.56 -6.03 8.40
N MET B 13 -14.11 -4.80 8.60
CA MET B 13 -14.78 -3.58 8.15
CA MET B 13 -14.78 -3.61 8.06
C MET B 13 -13.74 -2.73 7.40
N VAL B 14 -14.13 -2.08 6.33
CA VAL B 14 -13.19 -1.20 5.60
C VAL B 14 -13.88 0.15 5.61
N LYS B 15 -13.13 1.18 5.93
CA LYS B 15 -13.64 2.55 5.88
C LYS B 15 -12.73 3.41 5.04
N VAL B 16 -13.26 4.20 4.11
CA VAL B 16 -12.41 5.03 3.24
C VAL B 16 -12.93 6.50 3.28
N LEU B 17 -11.96 7.44 3.42
CA LEU B 17 -12.22 8.87 3.52
C LEU B 17 -11.46 9.62 2.42
N ASP B 18 -11.98 10.76 2.04
CA ASP B 18 -11.44 11.56 0.94
C ASP B 18 -10.91 12.87 1.54
N ALA B 19 -9.58 13.03 1.55
CA ALA B 19 -8.92 14.18 2.17
C ALA B 19 -9.00 15.49 1.31
N VAL B 20 -9.45 15.39 0.07
CA VAL B 20 -9.56 16.55 -0.83
C VAL B 20 -10.89 17.24 -0.56
N ARG B 21 -11.96 16.46 -0.43
CA ARG B 21 -13.34 16.98 -0.22
C ARG B 21 -13.81 16.93 1.25
N GLY B 22 -13.07 16.26 2.13
CA GLY B 22 -13.45 16.06 3.55
C GLY B 22 -14.78 15.31 3.69
N SER B 23 -14.82 14.15 3.06
CA SER B 23 -16.01 13.37 3.02
C SER B 23 -15.69 11.88 3.01
N PRO B 24 -16.67 11.08 3.37
CA PRO B 24 -16.53 9.66 3.04
C PRO B 24 -16.24 9.49 1.57
N ALA B 25 -15.48 8.44 1.23
CA ALA B 25 -15.22 8.09 -0.15
C ALA B 25 -16.27 7.05 -0.53
N ILE B 26 -17.24 7.46 -1.34
CA ILE B 26 -18.45 6.62 -1.60
C ILE B 26 -18.24 5.87 -2.92
N ASN B 27 -18.75 4.65 -2.95
CA ASN B 27 -18.71 3.80 -4.12
C ASN B 27 -17.34 3.42 -4.58
N VAL B 28 -16.45 3.26 -3.63
CA VAL B 28 -15.11 2.79 -3.93
C VAL B 28 -15.14 1.25 -3.94
N ALA B 29 -14.64 0.63 -5.01
CA ALA B 29 -14.59 -0.82 -5.05
C ALA B 29 -13.46 -1.34 -4.18
N VAL B 30 -13.75 -2.38 -3.41
CA VAL B 30 -12.83 -3.00 -2.48
C VAL B 30 -12.84 -4.52 -2.73
N HIS B 31 -11.67 -5.09 -2.98
CA HIS B 31 -11.48 -6.52 -3.08
C HIS B 31 -10.60 -7.10 -2.03
N VAL B 32 -11.00 -8.22 -1.50
CA VAL B 32 -10.26 -8.87 -0.46
C VAL B 32 -9.82 -10.23 -0.99
N PHE B 33 -8.62 -10.63 -0.62
CA PHE B 33 -8.00 -11.86 -1.04
C PHE B 33 -7.34 -12.56 0.15
N ARG B 34 -7.18 -13.87 0.04
CA ARG B 34 -6.47 -14.65 1.02
CA ARG B 34 -6.47 -14.64 1.01
C ARG B 34 -5.34 -15.30 0.29
N LYS B 35 -4.20 -15.39 0.95
CA LYS B 35 -3.04 -16.03 0.35
C LYS B 35 -3.29 -17.51 0.39
N ALA B 36 -3.21 -18.18 -0.77
CA ALA B 36 -3.34 -19.63 -0.83
C ALA B 36 -2.00 -20.32 -0.58
N ALA B 37 -2.06 -21.62 -0.36
CA ALA B 37 -0.86 -22.43 -0.04
C ALA B 37 0.25 -22.29 -1.14
N ASP B 38 -0.18 -22.08 -2.38
CA ASP B 38 0.75 -21.86 -3.51
C ASP B 38 1.29 -20.44 -3.47
N THR B 40 -0.08 -17.62 -4.04
CA THR B 40 -1.05 -16.93 -4.93
C THR B 40 -2.21 -16.32 -4.15
N TRP B 41 -2.85 -15.29 -4.72
CA TRP B 41 -3.95 -14.59 -4.04
C TRP B 41 -5.26 -15.08 -4.55
N GLU B 42 -6.11 -15.59 -3.66
CA GLU B 42 -7.42 -16.12 -4.03
C GLU B 42 -8.43 -15.06 -3.59
N PRO B 43 -9.30 -14.62 -4.51
CA PRO B 43 -10.45 -13.79 -4.14
C PRO B 43 -11.32 -14.39 -3.07
N PHE B 44 -11.76 -13.54 -2.16
CA PHE B 44 -12.35 -13.91 -0.90
C PHE B 44 -13.66 -13.16 -0.70
N ALA B 45 -13.65 -11.87 -0.97
CA ALA B 45 -14.82 -11.04 -0.76
C ALA B 45 -14.63 -9.75 -1.55
N SER B 46 -15.73 -9.07 -1.77
CA SER B 46 -15.65 -7.73 -2.35
C SER B 46 -16.92 -6.95 -2.13
N GLY B 47 -16.84 -5.66 -2.39
CA GLY B 47 -18.01 -4.80 -2.37
C GLY B 47 -17.62 -3.36 -2.67
N LYS B 48 -18.59 -2.46 -2.51
CA LYS B 48 -18.35 -1.06 -2.72
C LYS B 48 -18.69 -0.31 -1.41
N THR B 49 -17.93 0.73 -1.11
CA THR B 49 -18.23 1.54 0.09
C THR B 49 -19.61 2.24 -0.02
N SER B 50 -20.33 2.29 1.11
CA SER B 50 -21.61 2.98 1.26
C SER B 50 -21.48 4.50 1.27
N GLU B 51 -22.65 5.18 1.38
CA GLU B 51 -22.73 6.65 1.56
C GLU B 51 -21.89 7.15 2.73
N SER B 52 -21.62 6.28 3.69
CA SER B 52 -20.84 6.63 4.85
C SER B 52 -19.37 6.23 4.68
N GLY B 53 -18.98 5.75 3.49
CA GLY B 53 -17.62 5.35 3.18
C GLY B 53 -17.24 4.01 3.83
N GLU B 54 -18.21 3.21 4.23
CA GLU B 54 -17.98 1.99 4.98
C GLU B 54 -18.38 0.80 4.12
N LEU B 55 -17.68 -0.28 4.31
CA LEU B 55 -18.06 -1.55 3.74
C LEU B 55 -18.08 -2.59 4.86
N HIS B 56 -19.27 -3.07 5.13
CA HIS B 56 -19.55 -4.08 6.16
C HIS B 56 -19.90 -5.38 5.49
N GLY B 57 -19.97 -6.45 6.27
CA GLY B 57 -20.50 -7.71 5.76
C GLY B 57 -19.60 -8.44 4.79
N LEU B 58 -18.32 -8.10 4.73
CA LEU B 58 -17.44 -8.80 3.83
C LEU B 58 -17.31 -10.30 4.14
N THR B 59 -17.31 -10.67 5.42
CA THR B 59 -17.10 -12.05 5.82
C THR B 59 -17.75 -12.33 7.16
N THR B 60 -17.71 -13.59 7.57
CA THR B 60 -18.29 -14.02 8.82
C THR B 60 -17.18 -14.57 9.68
N GLU B 61 -17.50 -14.67 10.96
CA GLU B 61 -16.60 -15.20 11.97
C GLU B 61 -16.05 -16.58 11.58
N GLU B 62 -16.93 -17.44 11.03
CA GLU B 62 -16.59 -18.82 10.71
C GLU B 62 -15.59 -18.85 9.53
N GLU B 63 -15.76 -17.95 8.55
CA GLU B 63 -14.93 -17.98 7.31
C GLU B 63 -13.55 -17.33 7.47
N PHE B 64 -13.45 -16.39 8.40
CA PHE B 64 -12.29 -15.54 8.57
C PHE B 64 -11.27 -16.15 9.51
N VAL B 65 -10.60 -17.18 9.00
CA VAL B 65 -9.65 -17.94 9.77
C VAL B 65 -8.29 -17.25 9.69
N GLU B 66 -7.36 -17.63 10.56
CA GLU B 66 -5.95 -17.15 10.52
C GLU B 66 -5.41 -17.31 9.12
N GLY B 67 -4.67 -16.33 8.64
CA GLY B 67 -4.09 -16.38 7.34
C GLY B 67 -3.57 -15.02 6.97
N ILE B 68 -3.08 -14.89 5.76
CA ILE B 68 -2.59 -13.59 5.28
C ILE B 68 -3.59 -13.10 4.27
N TYR B 69 -4.04 -11.88 4.49
CA TYR B 69 -5.08 -11.28 3.68
C TYR B 69 -4.60 -10.00 3.04
N LYS B 70 -5.17 -9.69 1.89
CA LYS B 70 -4.87 -8.50 1.10
C LYS B 70 -6.18 -7.81 0.89
N VAL B 71 -6.22 -6.51 1.15
CA VAL B 71 -7.38 -5.67 0.83
C VAL B 71 -6.97 -4.66 -0.21
N GLU B 72 -7.53 -4.74 -1.39
CA GLU B 72 -7.21 -3.80 -2.47
C GLU B 72 -8.36 -2.83 -2.66
N ILE B 73 -8.05 -1.55 -2.52
CA ILE B 73 -9.02 -0.48 -2.64
C ILE B 73 -8.79 0.27 -3.94
N ASP B 74 -9.82 0.39 -4.75
CA ASP B 74 -9.61 0.87 -6.12
C ASP B 74 -9.62 2.38 -6.15
N THR B 75 -8.52 2.96 -5.68
CA THR B 75 -8.44 4.44 -5.50
C THR B 75 -8.38 5.14 -6.83
N LYS B 76 -7.78 4.51 -7.83
CA LYS B 76 -7.60 5.15 -9.11
C LYS B 76 -8.95 5.49 -9.83
N SER B 77 -9.91 4.57 -9.78
CA SER B 77 -11.26 4.82 -10.38
C SER B 77 -12.02 5.89 -9.63
N TYR B 78 -11.81 5.93 -8.31
CA TYR B 78 -12.47 6.94 -7.46
C TYR B 78 -12.02 8.34 -7.94
N TRP B 79 -10.69 8.59 -8.05
CA TRP B 79 -10.16 9.84 -8.44
C TRP B 79 -10.56 10.18 -9.88
N LYS B 80 -10.54 9.17 -10.75
CA LYS B 80 -10.88 9.38 -12.15
CA LYS B 80 -10.90 9.34 -12.16
C LYS B 80 -12.35 9.87 -12.29
N ALA B 81 -13.23 9.31 -11.46
CA ALA B 81 -14.65 9.72 -11.45
C ALA B 81 -14.80 11.18 -11.00
N LEU B 82 -13.89 11.68 -10.18
CA LEU B 82 -13.95 13.06 -9.74
C LEU B 82 -13.17 14.01 -10.65
N GLY B 83 -12.48 13.45 -11.64
CA GLY B 83 -11.70 14.30 -12.57
C GLY B 83 -10.35 14.75 -12.08
N ILE B 84 -9.72 13.95 -11.19
CA ILE B 84 -8.47 14.29 -10.56
C ILE B 84 -7.45 13.19 -10.88
N SER B 85 -6.24 13.60 -11.24
CA SER B 85 -5.20 12.74 -11.74
C SER B 85 -4.49 12.14 -10.53
N PRO B 86 -4.58 10.82 -10.40
CA PRO B 86 -3.97 10.22 -9.20
C PRO B 86 -2.62 9.60 -9.49
N PHE B 87 -1.87 9.31 -8.44
CA PHE B 87 -0.60 8.61 -8.57
C PHE B 87 -0.75 7.10 -8.55
N HIS B 88 -1.46 6.55 -7.55
CA HIS B 88 -1.43 5.11 -7.34
C HIS B 88 -2.41 4.41 -8.21
N GLU B 89 -2.09 3.22 -8.59
CA GLU B 89 -3.05 2.29 -9.19
C GLU B 89 -4.17 1.90 -8.24
N HIS B 90 -3.83 1.68 -6.97
CA HIS B 90 -4.75 1.25 -5.94
C HIS B 90 -4.00 1.35 -4.67
N ALA B 91 -4.72 1.21 -3.57
CA ALA B 91 -4.10 1.07 -2.27
C ALA B 91 -4.31 -0.38 -1.84
N GLU B 92 -3.21 -1.09 -1.46
CA GLU B 92 -3.19 -2.50 -1.06
C GLU B 92 -2.77 -2.55 0.39
N VAL B 93 -3.53 -3.22 1.24
CA VAL B 93 -3.17 -3.40 2.63
C VAL B 93 -3.01 -4.92 2.83
N VAL B 94 -1.85 -5.39 3.26
CA VAL B 94 -1.61 -6.79 3.46
C VAL B 94 -1.26 -7.07 4.93
N PHE B 95 -1.97 -8.03 5.55
CA PHE B 95 -1.84 -8.25 6.99
C PHE B 95 -2.10 -9.67 7.32
N THR B 96 -1.51 -10.16 8.39
CA THR B 96 -1.86 -11.47 8.90
C THR B 96 -2.97 -11.32 9.93
N ALA B 97 -3.96 -12.18 9.85
CA ALA B 97 -5.14 -12.15 10.70
C ALA B 97 -5.08 -13.18 11.77
N ASN B 98 -5.53 -12.72 12.94
CA ASN B 98 -6.09 -13.56 14.00
C ASN B 98 -5.01 -14.29 14.73
N ASP B 99 -3.79 -13.90 14.41
CA ASP B 99 -2.61 -14.50 15.06
C ASP B 99 -2.84 -14.56 16.58
N GLY B 101 -5.73 -14.96 18.15
CA GLY B 101 -7.18 -15.20 18.28
C GLY B 101 -8.07 -14.17 17.60
N PRO B 102 -9.27 -14.55 17.11
CA PRO B 102 -10.24 -13.62 16.52
C PRO B 102 -10.44 -12.21 17.10
N ARG B 103 -10.38 -11.23 16.21
CA ARG B 103 -10.55 -9.83 16.59
C ARG B 103 -11.47 -9.16 15.57
N ARG B 104 -12.03 -7.99 15.91
CA ARG B 104 -12.68 -7.17 14.86
C ARG B 104 -11.59 -6.26 14.32
N TYR B 105 -11.51 -6.22 12.98
CA TYR B 105 -10.57 -5.40 12.26
C TYR B 105 -11.28 -4.35 11.47
N THR B 106 -10.91 -3.08 11.67
CA THR B 106 -11.32 -1.98 10.81
C THR B 106 -10.12 -1.50 10.07
N ILE B 107 -10.19 -1.56 8.76
CA ILE B 107 -9.05 -1.14 7.93
C ILE B 107 -9.53 0.19 7.44
N ALA B 108 -8.84 1.23 7.86
CA ALA B 108 -9.25 2.58 7.42
C ALA B 108 -8.24 3.16 6.46
N ALA B 109 -8.69 3.87 5.44
CA ALA B 109 -7.79 4.44 4.45
C ALA B 109 -8.22 5.89 4.25
N LEU B 110 -7.25 6.79 4.24
CA LEU B 110 -7.45 8.19 3.96
C LEU B 110 -6.77 8.49 2.67
N LEU B 111 -7.54 9.00 1.73
CA LEU B 111 -7.06 9.11 0.36
C LEU B 111 -6.83 10.53 -0.07
N SER B 112 -5.63 10.79 -0.63
CA SER B 112 -5.37 11.98 -1.47
C SER B 112 -4.83 11.53 -2.84
N PRO B 113 -4.84 12.42 -3.80
CA PRO B 113 -4.40 11.97 -5.13
C PRO B 113 -2.97 11.40 -5.23
N TYR B 114 -2.03 11.98 -4.48
CA TYR B 114 -0.67 11.58 -4.41
C TYR B 114 -0.20 10.97 -3.14
N SER B 115 -1.14 10.54 -2.29
CA SER B 115 -0.74 10.06 -0.98
C SER B 115 -1.90 9.27 -0.39
N TYR B 116 -1.64 8.22 0.36
CA TYR B 116 -2.70 7.61 1.19
C TYR B 116 -2.12 7.16 2.48
N SER B 117 -2.98 7.07 3.49
CA SER B 117 -2.59 6.53 4.76
C SER B 117 -3.59 5.37 5.07
N THR B 118 -3.08 4.32 5.68
CA THR B 118 -3.94 3.25 6.11
C THR B 118 -3.62 2.90 7.51
N THR B 119 -4.64 2.62 8.29
CA THR B 119 -4.49 2.25 9.67
C THR B 119 -5.42 1.10 9.99
N ALA B 120 -5.04 0.29 10.94
CA ALA B 120 -5.85 -0.79 11.43
C ALA B 120 -6.26 -0.52 12.86
N VAL B 121 -7.56 -0.66 13.12
CA VAL B 121 -8.13 -0.59 14.47
C VAL B 121 -8.55 -1.99 14.77
N VAL B 122 -7.86 -2.61 15.70
CA VAL B 122 -8.10 -3.98 16.02
C VAL B 122 -8.70 -4.05 17.43
N THR B 123 -9.96 -4.49 17.57
CA THR B 123 -10.67 -4.49 18.87
C THR B 123 -11.44 -5.80 19.08
N12 6OT C . -8.47 7.49 8.75
C01 6OT C . -12.63 8.10 11.02
C02 6OT C . -12.83 6.80 11.45
C03 6OT C . -11.76 5.93 11.49
C04 6OT C . -10.50 6.35 11.09
C05 6OT C . -10.29 7.65 10.64
C06 6OT C . -11.37 8.53 10.62
CL7 6OT C . -14.05 9.20 10.98
CL8 6OT C . -12.05 4.25 12.07
S09 6OT C . -8.82 8.13 10.19
O10 6OT C . -7.85 7.69 11.15
O11 6OT C . -8.76 9.56 10.11
#